data_4LJ8
#
_entry.id   4LJ8
#
_cell.length_a   74.300
_cell.length_b   74.300
_cell.length_c   119.500
_cell.angle_alpha   90.00
_cell.angle_beta   90.00
_cell.angle_gamma   120.00
#
_symmetry.space_group_name_H-M   'P 65'
#
loop_
_entity.id
_entity.type
_entity.pdbx_description
1 polymer 'Chaperone protein ClpB'
2 non-polymer "ADENOSINE-5'-DIPHOSPHATE"
3 water water
#
_entity_poly.entity_id   1
_entity_poly.type   'polypeptide(L)'
_entity_poly.pdbx_seq_one_letter_code
;GSHMEVTEEDIAEIVSRWTGIPVSKLLEGEREKLLRLEEELHKRVVGQDEAIRAVADAIRRARAGLKDPNRPIGSFLFLG
PTGVGKTELAKTLAATLFDTEEAMIQIDMTEYMEKHAVSRLIGAPPGYVGYEEGGQLTEAVRRRPYSVILFDEIEKAHPD
VFNILLQILDDGRLTDSHGRTVDFRNTVIILTSNLGSPLILEGLQKGWPYERIRDEVFKVLQQHFRPEFLNRLDEIVVFR
PLTKEQIRQIVEIQLSYLRARLAEKRISLELTEAAKDFLAERGYDPVFGARPLRRVIQRELETPLAQKILAGEVKEGDRV
QVDVGPAGLVFAVPARVEA
;
_entity_poly.pdbx_strand_id   A
#
# COMPACT_ATOMS: atom_id res chain seq x y z
N HIS A 3 5.76 30.36 -23.18
CA HIS A 3 7.21 30.05 -22.97
C HIS A 3 7.43 28.55 -22.78
N MET A 4 8.25 27.96 -23.65
CA MET A 4 8.41 26.50 -23.81
C MET A 4 9.68 25.89 -23.21
N GLU A 5 10.70 26.71 -22.99
CA GLU A 5 12.01 26.20 -22.60
C GLU A 5 12.06 25.90 -21.11
N VAL A 6 11.52 26.81 -20.30
CA VAL A 6 11.41 26.57 -18.87
C VAL A 6 10.03 25.99 -18.59
N THR A 7 10.00 24.79 -18.00
CA THR A 7 8.77 24.06 -17.75
C THR A 7 8.23 24.34 -16.34
N GLU A 8 7.04 23.81 -16.10
CA GLU A 8 6.42 23.85 -14.77
C GLU A 8 7.31 23.18 -13.73
N GLU A 9 7.87 22.04 -14.11
CA GLU A 9 8.70 21.23 -13.23
C GLU A 9 9.97 21.98 -12.81
N ASP A 10 10.56 22.76 -13.73
CA ASP A 10 11.73 23.60 -13.38
C ASP A 10 11.40 24.55 -12.26
N ILE A 11 10.26 25.23 -12.37
CA ILE A 11 9.87 26.24 -11.39
C ILE A 11 9.42 25.57 -10.09
N ALA A 12 8.71 24.44 -10.20
CA ALA A 12 8.32 23.69 -9.01
C ALA A 12 9.55 23.14 -8.29
N GLU A 13 10.54 22.68 -9.06
CA GLU A 13 11.72 22.10 -8.45
C GLU A 13 12.45 23.14 -7.60
N ILE A 14 12.66 24.34 -8.16
CA ILE A 14 13.29 25.42 -7.39
C ILE A 14 12.49 25.75 -6.13
N VAL A 15 11.17 25.90 -6.26
CA VAL A 15 10.33 26.19 -5.09
C VAL A 15 10.37 25.03 -4.07
N SER A 16 10.31 23.79 -4.56
CA SER A 16 10.39 22.61 -3.66
C SER A 16 11.70 22.61 -2.87
N ARG A 17 12.82 22.74 -3.57
CA ARG A 17 14.14 22.75 -2.92
C ARG A 17 14.24 23.86 -1.89
N TRP A 18 13.66 25.02 -2.17
CA TRP A 18 13.70 26.15 -1.24
C TRP A 18 12.68 26.10 -0.09
N THR A 19 11.54 25.44 -0.30
CA THR A 19 10.46 25.37 0.71
C THR A 19 10.34 24.04 1.46
N GLY A 20 10.84 22.96 0.89
CA GLY A 20 10.58 21.60 1.40
C GLY A 20 9.22 21.03 0.99
N ILE A 21 8.49 21.70 0.11
CA ILE A 21 7.17 21.24 -0.32
C ILE A 21 7.38 20.36 -1.54
N PRO A 22 6.92 19.09 -1.49
CA PRO A 22 7.18 18.26 -2.66
C PRO A 22 6.63 18.85 -3.95
N VAL A 23 7.33 18.56 -5.05
CA VAL A 23 6.98 19.07 -6.38
C VAL A 23 5.51 18.76 -6.71
N SER A 24 5.10 17.52 -6.47
CA SER A 24 3.74 17.09 -6.83
C SER A 24 2.67 17.76 -5.96
N LYS A 25 3.04 18.16 -4.74
CA LYS A 25 2.17 18.96 -3.90
C LYS A 25 1.98 20.37 -4.46
N LEU A 26 3.08 21.05 -4.77
CA LEU A 26 3.04 22.35 -5.45
C LEU A 26 2.30 22.28 -6.78
N LEU A 27 2.48 21.20 -7.53
CA LEU A 27 1.81 21.02 -8.81
C LEU A 27 0.48 20.24 -8.73
N GLU A 28 -0.07 20.08 -7.54
CA GLU A 28 -1.29 19.30 -7.32
C GLU A 28 -2.39 19.60 -8.36
N GLY A 29 -2.70 20.88 -8.57
CA GLY A 29 -3.77 21.31 -9.47
C GLY A 29 -3.47 21.10 -10.94
N GLU A 30 -2.29 21.52 -11.37
CA GLU A 30 -1.89 21.52 -12.78
C GLU A 30 -1.70 20.11 -13.36
N LEU A 34 -5.55 17.00 -10.44
CA LEU A 34 -6.05 16.64 -9.11
C LEU A 34 -7.32 15.80 -9.24
N LEU A 35 -8.13 16.12 -10.25
CA LEU A 35 -9.33 15.37 -10.61
C LEU A 35 -8.99 13.95 -11.08
N ARG A 36 -7.79 13.76 -11.62
CA ARG A 36 -7.33 12.46 -12.09
C ARG A 36 -6.75 11.55 -11.00
N LEU A 37 -6.73 11.98 -9.74
CA LEU A 37 -6.02 11.20 -8.70
C LEU A 37 -6.35 9.70 -8.72
N GLU A 38 -7.63 9.38 -8.84
CA GLU A 38 -8.09 7.99 -8.84
C GLU A 38 -7.47 7.19 -9.98
N GLU A 39 -7.45 7.78 -11.18
CA GLU A 39 -6.89 7.12 -12.37
C GLU A 39 -5.43 6.83 -12.13
N GLU A 40 -4.72 7.79 -11.53
CA GLU A 40 -3.28 7.66 -11.27
C GLU A 40 -3.07 6.50 -10.29
N LEU A 41 -3.85 6.47 -9.22
CA LEU A 41 -3.71 5.42 -8.21
C LEU A 41 -4.02 4.04 -8.78
N HIS A 42 -4.97 3.97 -9.69
CA HIS A 42 -5.33 2.72 -10.35
C HIS A 42 -4.28 2.21 -11.33
N LYS A 43 -3.33 3.04 -11.74
CA LYS A 43 -2.17 2.55 -12.49
C LYS A 43 -1.48 1.44 -11.70
N ARG A 44 -1.42 1.57 -10.38
CA ARG A 44 -0.75 0.56 -9.56
C ARG A 44 -1.69 -0.29 -8.74
N VAL A 45 -2.85 0.22 -8.36
CA VAL A 45 -3.75 -0.55 -7.48
C VAL A 45 -4.98 -1.04 -8.23
N VAL A 46 -5.08 -2.35 -8.35
CA VAL A 46 -6.17 -2.96 -9.09
C VAL A 46 -7.35 -3.17 -8.15
N GLY A 47 -8.53 -2.82 -8.62
CA GLY A 47 -9.73 -2.94 -7.81
C GLY A 47 -9.61 -2.07 -6.57
N GLN A 48 -10.26 -2.51 -5.50
CA GLN A 48 -10.37 -1.74 -4.26
C GLN A 48 -10.77 -0.28 -4.56
N ASP A 49 -11.80 -0.14 -5.40
CA ASP A 49 -12.28 1.17 -5.84
C ASP A 49 -12.72 2.06 -4.70
N GLU A 50 -13.41 1.47 -3.71
CA GLU A 50 -13.89 2.19 -2.53
C GLU A 50 -12.75 2.83 -1.80
N ALA A 51 -11.68 2.07 -1.61
CA ALA A 51 -10.51 2.56 -0.91
C ALA A 51 -9.93 3.76 -1.62
N ILE A 52 -9.73 3.61 -2.93
CA ILE A 52 -9.17 4.68 -3.74
C ILE A 52 -10.02 5.95 -3.70
N ARG A 53 -11.34 5.78 -3.85
CA ARG A 53 -12.26 6.92 -3.81
C ARG A 53 -12.28 7.56 -2.42
N ALA A 54 -12.27 6.74 -1.38
CA ALA A 54 -12.21 7.25 -0.01
C ALA A 54 -10.98 8.13 0.19
N VAL A 55 -9.84 7.63 -0.25
CA VAL A 55 -8.61 8.36 -0.11
C VAL A 55 -8.66 9.65 -0.94
N ALA A 56 -9.15 9.55 -2.18
CA ALA A 56 -9.22 10.72 -3.08
C ALA A 56 -10.22 11.77 -2.62
N ASP A 57 -11.36 11.31 -2.11
CA ASP A 57 -12.35 12.24 -1.56
C ASP A 57 -11.78 13.03 -0.37
N ALA A 58 -11.08 12.35 0.54
CA ALA A 58 -10.51 13.02 1.72
C ALA A 58 -9.57 14.10 1.29
N ILE A 59 -8.72 13.77 0.33
CA ILE A 59 -7.74 14.71 -0.19
C ILE A 59 -8.41 15.91 -0.86
N ARG A 60 -9.45 15.66 -1.66
CA ARG A 60 -10.22 16.76 -2.27
C ARG A 60 -10.87 17.70 -1.26
N ARG A 61 -11.42 17.14 -0.18
CA ARG A 61 -12.02 17.94 0.88
C ARG A 61 -10.96 18.81 1.59
N ALA A 62 -9.79 18.23 1.87
CA ALA A 62 -8.69 18.99 2.47
C ALA A 62 -8.18 20.10 1.55
N ARG A 63 -8.04 19.80 0.26
CA ARG A 63 -7.57 20.80 -0.72
C ARG A 63 -8.57 21.93 -0.90
N ALA A 64 -9.86 21.60 -0.87
CA ALA A 64 -10.91 22.60 -1.05
C ALA A 64 -11.16 23.47 0.19
N GLY A 65 -10.42 23.24 1.26
CA GLY A 65 -10.51 24.08 2.47
C GLY A 65 -11.71 23.77 3.35
N LEU A 66 -12.15 22.51 3.33
CA LEU A 66 -13.35 22.11 4.06
C LEU A 66 -13.07 21.42 5.38
N LYS A 67 -11.81 21.09 5.64
CA LYS A 67 -11.47 20.29 6.81
C LYS A 67 -10.61 21.09 7.76
N ASP A 68 -10.45 20.56 8.97
CA ASP A 68 -9.71 21.23 10.03
C ASP A 68 -8.24 21.34 9.66
N PRO A 69 -7.70 22.57 9.66
CA PRO A 69 -6.27 22.73 9.30
C PRO A 69 -5.31 22.19 10.35
N ASN A 70 -5.78 21.90 11.56
CA ASN A 70 -4.92 21.37 12.61
C ASN A 70 -5.01 19.86 12.79
N ARG A 71 -5.57 19.17 11.80
CA ARG A 71 -5.54 17.72 11.75
C ARG A 71 -4.79 17.29 10.48
N PRO A 72 -4.40 16.00 10.40
CA PRO A 72 -3.74 15.53 9.18
C PRO A 72 -4.62 15.68 7.96
N ILE A 73 -4.03 15.51 6.79
CA ILE A 73 -4.80 15.56 5.56
C ILE A 73 -5.94 14.56 5.61
N GLY A 74 -5.66 13.35 6.07
CA GLY A 74 -6.70 12.32 6.11
C GLY A 74 -6.28 11.13 6.93
N SER A 75 -7.26 10.39 7.41
CA SER A 75 -6.97 9.26 8.23
C SER A 75 -8.01 8.17 7.93
N PHE A 76 -7.53 6.94 7.86
CA PHE A 76 -8.32 5.80 7.43
C PHE A 76 -8.00 4.56 8.24
N LEU A 77 -8.98 3.67 8.32
CA LEU A 77 -8.72 2.33 8.77
C LEU A 77 -9.05 1.39 7.62
N PHE A 78 -8.06 0.61 7.19
CA PHE A 78 -8.23 -0.36 6.13
C PHE A 78 -8.38 -1.74 6.73
N LEU A 79 -9.60 -2.24 6.71
CA LEU A 79 -9.90 -3.58 7.14
C LEU A 79 -9.92 -4.50 5.94
N GLY A 80 -10.00 -5.79 6.21
CA GLY A 80 -10.11 -6.80 5.17
C GLY A 80 -8.85 -7.63 5.14
N PRO A 81 -8.77 -8.55 4.17
CA PRO A 81 -7.70 -9.52 4.18
C PRO A 81 -6.31 -9.02 3.75
N THR A 82 -5.33 -9.85 4.02
CA THR A 82 -3.94 -9.63 3.72
C THR A 82 -3.71 -9.79 2.22
N GLY A 83 -2.80 -9.00 1.69
CA GLY A 83 -2.28 -9.24 0.34
C GLY A 83 -3.22 -8.86 -0.79
N VAL A 84 -4.12 -7.91 -0.54
CA VAL A 84 -5.06 -7.46 -1.56
C VAL A 84 -5.00 -5.96 -1.87
N GLY A 85 -3.96 -5.26 -1.40
CA GLY A 85 -3.71 -3.89 -1.86
C GLY A 85 -3.51 -2.79 -0.84
N LYS A 86 -3.59 -3.10 0.45
CA LYS A 86 -3.55 -2.06 1.49
C LYS A 86 -2.20 -1.34 1.40
N THR A 87 -1.12 -2.11 1.52
CA THR A 87 0.23 -1.53 1.41
C THR A 87 0.53 -0.94 0.03
N GLU A 88 0.14 -1.65 -1.04
CA GLU A 88 0.33 -1.11 -2.38
C GLU A 88 -0.30 0.28 -2.56
N LEU A 89 -1.49 0.48 -2.00
CA LEU A 89 -2.14 1.81 -2.07
C LEU A 89 -1.39 2.84 -1.25
N ALA A 90 -0.92 2.49 -0.06
CA ALA A 90 -0.15 3.46 0.74
C ALA A 90 1.11 3.90 0.01
N LYS A 91 1.80 2.93 -0.59
CA LYS A 91 3.03 3.21 -1.34
C LYS A 91 2.74 4.09 -2.54
N THR A 92 1.72 3.69 -3.29
CA THR A 92 1.32 4.35 -4.49
C THR A 92 0.88 5.77 -4.18
N LEU A 93 0.25 5.95 -3.02
CA LEU A 93 -0.20 7.28 -2.62
C LEU A 93 0.97 8.18 -2.24
N ALA A 94 1.98 7.62 -1.57
CA ALA A 94 3.17 8.38 -1.23
C ALA A 94 3.89 8.81 -2.50
N ALA A 95 4.12 7.87 -3.43
CA ALA A 95 4.78 8.19 -4.68
C ALA A 95 4.01 9.23 -5.49
N THR A 96 2.68 9.19 -5.43
CA THR A 96 1.85 10.09 -6.21
C THR A 96 1.72 11.48 -5.61
N LEU A 97 1.44 11.56 -4.32
CA LEU A 97 1.27 12.85 -3.65
C LEU A 97 2.58 13.56 -3.39
N PHE A 98 3.61 12.76 -3.12
CA PHE A 98 4.86 13.30 -2.55
C PHE A 98 6.09 12.82 -3.28
N ASP A 99 5.91 12.37 -4.51
CA ASP A 99 6.98 12.11 -5.46
C ASP A 99 7.87 10.88 -5.23
N THR A 100 7.80 10.24 -4.06
CA THR A 100 8.59 9.04 -3.83
C THR A 100 7.98 8.14 -2.77
N GLU A 101 8.28 6.85 -2.87
CA GLU A 101 7.86 5.88 -1.87
C GLU A 101 8.62 6.06 -0.57
N GLU A 102 9.72 6.80 -0.61
CA GLU A 102 10.46 7.17 0.59
C GLU A 102 9.60 8.02 1.53
N ALA A 103 8.53 8.61 0.99
CA ALA A 103 7.60 9.43 1.76
C ALA A 103 6.55 8.57 2.48
N MET A 104 6.62 7.26 2.32
CA MET A 104 5.83 6.34 3.11
C MET A 104 6.63 5.84 4.30
N ILE A 105 6.10 6.09 5.49
CA ILE A 105 6.69 5.61 6.73
C ILE A 105 5.82 4.47 7.21
N GLN A 106 6.40 3.27 7.32
CA GLN A 106 5.63 2.10 7.73
C GLN A 106 6.01 1.71 9.15
N ILE A 107 5.01 1.45 9.99
CA ILE A 107 5.21 1.06 11.38
C ILE A 107 4.41 -0.21 11.66
N ASP A 108 5.11 -1.28 12.07
CA ASP A 108 4.50 -2.57 12.35
C ASP A 108 4.17 -2.66 13.86
N MET A 109 2.89 -2.55 14.18
CA MET A 109 2.48 -2.53 15.58
C MET A 109 2.77 -3.83 16.34
N THR A 110 2.99 -4.94 15.64
CA THR A 110 3.44 -6.17 16.30
C THR A 110 4.81 -5.98 16.97
N GLU A 111 5.56 -4.96 16.55
CA GLU A 111 6.81 -4.58 17.25
C GLU A 111 6.59 -3.53 18.36
N TYR A 112 5.33 -3.14 18.63
CA TYR A 112 5.06 -2.12 19.66
C TYR A 112 3.97 -2.58 20.63
N MET A 113 4.09 -3.83 21.06
CA MET A 113 3.09 -4.45 21.92
C MET A 113 3.39 -4.27 23.41
N GLU A 114 4.65 -3.99 23.75
CA GLU A 114 5.13 -4.19 25.13
C GLU A 114 5.61 -2.94 25.87
N LYS A 115 4.75 -1.93 26.01
CA LYS A 115 4.89 -0.90 27.07
C LYS A 115 5.98 0.16 26.80
N HIS A 116 7.24 -0.22 27.00
CA HIS A 116 8.39 0.66 26.70
C HIS A 116 8.51 1.04 25.21
N ALA A 117 7.70 0.41 24.37
CA ALA A 117 7.73 0.66 22.93
C ALA A 117 7.42 2.11 22.55
N VAL A 118 6.70 2.83 23.42
CA VAL A 118 6.47 4.26 23.22
C VAL A 118 7.78 5.03 22.98
N SER A 119 8.80 4.78 23.80
CA SER A 119 10.13 5.38 23.63
C SER A 119 10.65 5.18 22.23
N ARG A 120 10.42 3.99 21.69
CA ARG A 120 10.79 3.67 20.31
C ARG A 120 10.13 4.62 19.29
N LEU A 121 8.96 5.16 19.65
CA LEU A 121 8.19 6.05 18.77
C LEU A 121 8.55 7.51 18.88
N ILE A 122 8.46 8.03 20.10
CA ILE A 122 8.64 9.48 20.34
C ILE A 122 9.97 9.84 20.99
N GLY A 123 10.74 8.83 21.40
CA GLY A 123 12.07 9.02 21.96
C GLY A 123 12.11 8.60 23.41
N ALA A 124 13.22 8.04 23.85
CA ALA A 124 13.40 7.67 25.25
C ALA A 124 13.27 8.90 26.17
N PRO A 125 12.82 8.69 27.42
CA PRO A 125 12.73 9.83 28.35
C PRO A 125 14.13 10.30 28.75
N PRO A 126 14.31 11.62 28.96
CA PRO A 126 15.66 12.14 29.27
C PRO A 126 16.35 11.38 30.41
N GLY A 127 17.60 10.97 30.18
CA GLY A 127 18.35 10.13 31.11
C GLY A 127 18.66 8.78 30.47
N GLY A 134 16.40 10.46 19.70
CA GLY A 134 14.99 10.73 19.42
C GLY A 134 14.21 9.49 19.03
N GLY A 135 12.94 9.67 18.67
CA GLY A 135 12.06 8.55 18.34
C GLY A 135 12.00 8.26 16.86
N GLN A 136 11.72 7.01 16.50
CA GLN A 136 11.69 6.57 15.09
C GLN A 136 10.75 7.49 14.33
N LEU A 137 9.49 7.48 14.74
CA LEU A 137 8.40 8.19 14.06
C LEU A 137 8.63 9.70 14.03
N THR A 138 8.84 10.29 15.22
CA THR A 138 8.95 11.75 15.35
C THR A 138 10.10 12.30 14.52
N GLU A 139 11.25 11.64 14.56
CA GLU A 139 12.38 12.00 13.74
C GLU A 139 12.07 11.89 12.25
N ALA A 140 11.45 10.77 11.87
CA ALA A 140 11.12 10.52 10.48
C ALA A 140 10.15 11.58 9.95
N VAL A 141 9.15 11.93 10.75
CA VAL A 141 8.18 12.96 10.34
C VAL A 141 8.73 14.39 10.39
N ARG A 142 9.60 14.68 11.36
CA ARG A 142 10.32 15.96 11.37
C ARG A 142 11.01 16.17 10.04
N ARG A 143 11.76 15.18 9.59
CA ARG A 143 12.54 15.36 8.36
C ARG A 143 11.72 15.20 7.09
N ARG A 144 10.58 14.51 7.17
CA ARG A 144 9.65 14.43 6.04
C ARG A 144 8.23 14.72 6.51
N PRO A 145 7.86 16.01 6.60
CA PRO A 145 6.52 16.42 7.00
C PRO A 145 5.43 16.01 6.01
N TYR A 146 5.81 15.81 4.75
CA TYR A 146 4.86 15.40 3.73
C TYR A 146 5.02 13.91 3.53
N SER A 147 4.23 13.15 4.26
CA SER A 147 4.40 11.72 4.26
C SER A 147 3.08 10.96 4.47
N VAL A 148 3.02 9.74 3.94
CA VAL A 148 1.95 8.80 4.25
C VAL A 148 2.50 7.91 5.36
N ILE A 149 1.73 7.75 6.44
CA ILE A 149 2.17 6.94 7.57
C ILE A 149 1.24 5.77 7.69
N LEU A 150 1.83 4.58 7.53
CA LEU A 150 1.14 3.31 7.56
C LEU A 150 1.44 2.58 8.88
N PHE A 151 0.43 2.51 9.76
CA PHE A 151 0.47 1.67 10.98
C PHE A 151 -0.25 0.34 10.72
N ASP A 152 0.51 -0.74 10.73
CA ASP A 152 -0.03 -2.05 10.43
C ASP A 152 -0.41 -2.78 11.69
N GLU A 153 -1.58 -3.41 11.66
CA GLU A 153 -2.08 -4.23 12.74
C GLU A 153 -2.27 -3.42 14.01
N ILE A 154 -3.03 -2.34 13.87
CA ILE A 154 -3.21 -1.37 14.93
C ILE A 154 -3.78 -1.93 16.22
N GLU A 155 -4.62 -2.96 16.15
CA GLU A 155 -5.17 -3.53 17.38
C GLU A 155 -4.09 -4.11 18.30
N LYS A 156 -2.94 -4.46 17.73
CA LYS A 156 -1.81 -5.03 18.49
C LYS A 156 -0.98 -3.99 19.27
N ALA A 157 -1.19 -2.70 19.01
CA ALA A 157 -0.43 -1.66 19.68
C ALA A 157 -0.68 -1.72 21.16
N HIS A 158 0.38 -1.57 21.96
CA HIS A 158 0.21 -1.32 23.40
C HIS A 158 -0.69 -0.06 23.58
N PRO A 159 -1.57 -0.05 24.59
CA PRO A 159 -2.45 1.11 24.80
C PRO A 159 -1.77 2.48 24.78
N ASP A 160 -0.60 2.61 25.42
CA ASP A 160 0.17 3.87 25.42
C ASP A 160 0.62 4.26 24.02
N VAL A 161 0.94 3.26 23.21
CA VAL A 161 1.25 3.50 21.80
C VAL A 161 -0.02 3.93 21.07
N PHE A 162 -1.13 3.23 21.33
CA PHE A 162 -2.42 3.58 20.70
C PHE A 162 -2.77 5.05 20.97
N ASN A 163 -2.51 5.53 22.17
CA ASN A 163 -2.87 6.92 22.55
C ASN A 163 -2.07 8.00 21.82
N ILE A 164 -0.82 7.70 21.49
CA ILE A 164 0.02 8.61 20.72
C ILE A 164 -0.53 8.81 19.30
N LEU A 165 -1.06 7.74 18.71
CA LEU A 165 -1.79 7.85 17.45
C LEU A 165 -3.01 8.78 17.58
N LEU A 166 -3.74 8.66 18.68
CA LEU A 166 -4.92 9.51 18.95
C LEU A 166 -4.55 11.00 19.04
N GLN A 167 -3.37 11.29 19.60
CA GLN A 167 -2.84 12.66 19.64
C GLN A 167 -2.61 13.24 18.26
N ILE A 168 -2.05 12.44 17.35
CA ILE A 168 -1.84 12.84 15.96
C ILE A 168 -3.17 13.19 15.30
N LEU A 169 -4.15 12.30 15.46
CA LEU A 169 -5.50 12.51 14.93
C LEU A 169 -6.18 13.75 15.52
N ASP A 170 -6.03 13.94 16.82
CA ASP A 170 -6.70 15.07 17.49
C ASP A 170 -5.99 16.39 17.28
N ASP A 171 -4.66 16.38 17.40
CA ASP A 171 -3.88 17.61 17.46
C ASP A 171 -3.15 17.93 16.16
N GLY A 172 -2.92 16.93 15.31
CA GLY A 172 -2.17 17.14 14.08
C GLY A 172 -0.68 17.39 14.34
N ARG A 173 -0.21 16.98 15.52
CA ARG A 173 1.19 17.14 15.88
C ARG A 173 1.52 16.26 17.06
N LEU A 174 2.81 16.07 17.30
CA LEU A 174 3.30 15.45 18.54
C LEU A 174 4.45 16.24 19.15
N THR A 175 4.51 16.23 20.48
CA THR A 175 5.69 16.70 21.19
C THR A 175 6.55 15.47 21.50
N ASP A 176 7.80 15.52 21.09
CA ASP A 176 8.73 14.41 21.30
C ASP A 176 9.37 14.54 22.68
N SER A 177 10.24 13.59 23.03
CA SER A 177 10.92 13.59 24.32
C SER A 177 11.81 14.82 24.58
N HIS A 178 12.37 15.40 23.51
CA HIS A 178 13.12 16.68 23.62
C HIS A 178 12.20 17.86 23.98
N GLY A 179 10.89 17.65 23.97
CA GLY A 179 9.93 18.68 24.34
C GLY A 179 9.62 19.68 23.23
N ARG A 180 9.84 19.29 21.98
CA ARG A 180 9.55 20.14 20.82
C ARG A 180 8.54 19.47 19.88
N THR A 181 7.71 20.27 19.21
CA THR A 181 6.60 19.74 18.41
C THR A 181 7.04 19.26 17.04
N VAL A 182 6.44 18.16 16.62
CA VAL A 182 6.63 17.62 15.29
C VAL A 182 5.28 17.70 14.59
N ASP A 183 5.29 18.29 13.40
CA ASP A 183 4.08 18.63 12.68
C ASP A 183 3.57 17.45 11.83
N PHE A 184 2.30 17.10 12.00
CA PHE A 184 1.63 16.05 11.21
C PHE A 184 0.47 16.58 10.33
N ARG A 185 0.33 17.88 10.20
CA ARG A 185 -0.80 18.42 9.45
C ARG A 185 -0.74 18.07 7.95
N ASN A 186 0.45 17.75 7.45
CA ASN A 186 0.62 17.36 6.06
C ASN A 186 0.80 15.88 5.86
N THR A 187 0.43 15.08 6.87
CA THR A 187 0.50 13.64 6.71
C THR A 187 -0.84 13.06 6.34
N VAL A 188 -0.80 11.87 5.76
CA VAL A 188 -1.99 11.03 5.61
C VAL A 188 -1.70 9.84 6.47
N ILE A 189 -2.69 9.45 7.29
CA ILE A 189 -2.58 8.34 8.21
C ILE A 189 -3.41 7.16 7.72
N ILE A 190 -2.76 6.02 7.51
CA ILE A 190 -3.45 4.80 7.12
C ILE A 190 -3.16 3.74 8.18
N LEU A 191 -4.23 3.30 8.81
CA LEU A 191 -4.19 2.26 9.80
C LEU A 191 -4.72 1.02 9.14
N THR A 192 -4.11 -0.12 9.44
CA THR A 192 -4.63 -1.38 8.92
C THR A 192 -4.84 -2.41 10.01
N SER A 193 -5.74 -3.34 9.71
CA SER A 193 -5.95 -4.50 10.56
C SER A 193 -6.52 -5.63 9.73
N ASN A 194 -6.06 -6.83 10.05
CA ASN A 194 -6.56 -8.07 9.48
C ASN A 194 -7.78 -8.63 10.23
N LEU A 195 -8.13 -8.01 11.35
CA LEU A 195 -9.12 -8.59 12.29
C LEU A 195 -10.36 -9.08 11.56
N GLY A 196 -10.79 -10.29 11.87
CA GLY A 196 -12.02 -10.83 11.30
C GLY A 196 -11.76 -11.79 10.16
N SER A 197 -10.68 -11.55 9.41
CA SER A 197 -10.38 -12.38 8.23
C SER A 197 -10.01 -13.85 8.53
N PRO A 198 -9.14 -14.13 9.53
CA PRO A 198 -8.88 -15.54 9.88
C PRO A 198 -10.10 -16.24 10.51
N LEU A 199 -10.92 -15.47 11.21
CA LEU A 199 -12.18 -15.95 11.80
C LEU A 199 -13.16 -16.40 10.69
N ILE A 200 -13.25 -15.61 9.63
CA ILE A 200 -14.06 -16.00 8.48
C ILE A 200 -13.61 -17.34 7.89
N LEU A 201 -12.31 -17.46 7.61
CA LEU A 201 -11.77 -18.71 7.08
C LEU A 201 -11.97 -19.87 8.04
N GLU A 202 -11.78 -19.61 9.33
CA GLU A 202 -12.03 -20.62 10.36
C GLU A 202 -13.50 -21.08 10.34
N GLY A 203 -14.42 -20.14 10.17
CA GLY A 203 -15.85 -20.46 10.08
C GLY A 203 -16.17 -21.31 8.87
N LEU A 204 -15.59 -20.95 7.73
CA LEU A 204 -15.78 -21.70 6.50
C LEU A 204 -15.16 -23.09 6.57
N GLN A 205 -14.00 -23.21 7.21
CA GLN A 205 -13.36 -24.51 7.42
C GLN A 205 -14.20 -25.39 8.35
N LYS A 206 -14.67 -24.83 9.46
CA LYS A 206 -15.51 -25.57 10.42
C LYS A 206 -16.98 -25.63 10.02
N GLY A 207 -17.32 -25.00 8.90
CA GLY A 207 -18.69 -25.04 8.40
C GLY A 207 -19.70 -24.37 9.31
N TRP A 208 -19.36 -23.20 9.83
CA TRP A 208 -20.30 -22.40 10.58
C TRP A 208 -21.32 -21.81 9.61
N PRO A 209 -22.53 -21.54 10.11
CA PRO A 209 -23.50 -20.80 9.29
C PRO A 209 -23.07 -19.35 9.12
N TYR A 210 -23.46 -18.74 8.00
CA TYR A 210 -23.13 -17.34 7.74
C TYR A 210 -23.42 -16.49 8.97
N GLU A 211 -24.55 -16.79 9.61
CA GLU A 211 -25.03 -16.08 10.79
C GLU A 211 -23.96 -15.99 11.87
N ARG A 212 -23.41 -17.15 12.21
CA ARG A 212 -22.44 -17.25 13.27
C ARG A 212 -21.13 -16.59 12.87
N ILE A 213 -20.73 -16.75 11.61
CA ILE A 213 -19.52 -16.11 11.11
C ILE A 213 -19.62 -14.60 11.26
N ARG A 214 -20.74 -14.04 10.80
CA ARG A 214 -20.99 -12.62 10.88
C ARG A 214 -20.98 -12.11 12.31
N ASP A 215 -21.75 -12.77 13.16
CA ASP A 215 -21.84 -12.37 14.55
C ASP A 215 -20.46 -12.35 15.22
N GLU A 216 -19.63 -13.34 14.91
CA GLU A 216 -18.29 -13.44 15.51
C GLU A 216 -17.36 -12.32 15.02
N VAL A 217 -17.48 -11.95 13.75
CA VAL A 217 -16.67 -10.87 13.17
C VAL A 217 -17.05 -9.55 13.81
N PHE A 218 -18.35 -9.30 13.96
CA PHE A 218 -18.81 -8.08 14.62
C PHE A 218 -18.36 -8.01 16.07
N LYS A 219 -18.44 -9.12 16.80
CA LYS A 219 -17.97 -9.16 18.18
C LYS A 219 -16.49 -8.75 18.32
N VAL A 220 -15.64 -9.24 17.42
CA VAL A 220 -14.21 -9.01 17.58
C VAL A 220 -13.85 -7.56 17.18
N LEU A 221 -14.57 -7.03 16.20
CA LEU A 221 -14.42 -5.63 15.79
C LEU A 221 -14.87 -4.66 16.90
N GLN A 222 -16.07 -4.88 17.44
CA GLN A 222 -16.57 -4.15 18.62
C GLN A 222 -15.60 -4.19 19.80
N GLN A 223 -15.01 -5.36 20.03
CA GLN A 223 -14.05 -5.53 21.11
C GLN A 223 -12.80 -4.63 20.96
N HIS A 224 -12.32 -4.42 19.74
CA HIS A 224 -11.04 -3.71 19.56
C HIS A 224 -11.19 -2.24 19.15
N PHE A 225 -12.27 -1.92 18.44
CA PHE A 225 -12.44 -0.61 17.86
C PHE A 225 -13.72 0.08 18.34
N ARG A 226 -13.57 1.08 19.19
CA ARG A 226 -14.69 1.77 19.81
C ARG A 226 -15.06 3.02 19.01
N PRO A 227 -16.33 3.44 19.09
CA PRO A 227 -16.78 4.63 18.33
C PRO A 227 -15.91 5.88 18.54
N GLU A 228 -15.44 6.10 19.77
CA GLU A 228 -14.63 7.27 20.09
C GLU A 228 -13.39 7.31 19.19
N PHE A 229 -12.79 6.14 19.01
CA PHE A 229 -11.70 5.98 18.07
C PHE A 229 -12.14 6.11 16.61
N LEU A 230 -13.08 5.26 16.20
CA LEU A 230 -13.48 5.17 14.80
C LEU A 230 -14.00 6.50 14.26
N ASN A 231 -14.72 7.25 15.09
CA ASN A 231 -15.27 8.56 14.71
C ASN A 231 -14.24 9.60 14.28
N ARG A 232 -12.99 9.43 14.66
CA ARG A 232 -11.91 10.34 14.25
C ARG A 232 -11.49 10.15 12.79
N LEU A 233 -11.80 8.99 12.23
CA LEU A 233 -11.30 8.66 10.91
C LEU A 233 -12.19 9.24 9.84
N ASP A 234 -11.58 9.62 8.71
CA ASP A 234 -12.34 10.00 7.55
C ASP A 234 -13.23 8.86 7.10
N GLU A 235 -12.67 7.67 6.97
CA GLU A 235 -13.44 6.50 6.56
C GLU A 235 -12.81 5.21 7.06
N ILE A 236 -13.67 4.23 7.31
CA ILE A 236 -13.26 2.87 7.48
C ILE A 236 -13.56 2.18 6.17
N VAL A 237 -12.53 1.55 5.57
CA VAL A 237 -12.73 0.80 4.33
C VAL A 237 -12.38 -0.66 4.48
N VAL A 238 -13.27 -1.50 3.98
CA VAL A 238 -13.07 -2.93 3.94
C VAL A 238 -12.59 -3.30 2.55
N PHE A 239 -11.32 -3.69 2.44
CA PHE A 239 -10.76 -4.22 1.19
C PHE A 239 -11.38 -5.57 0.89
N ARG A 240 -11.63 -5.84 -0.38
CA ARG A 240 -12.18 -7.12 -0.80
C ARG A 240 -11.11 -8.11 -1.21
N PRO A 241 -11.44 -9.41 -1.14
CA PRO A 241 -10.67 -10.38 -1.89
C PRO A 241 -10.64 -10.00 -3.36
N LEU A 242 -9.64 -10.45 -4.06
CA LEU A 242 -9.49 -10.10 -5.47
C LEU A 242 -10.20 -11.12 -6.32
N THR A 243 -10.84 -10.66 -7.40
CA THR A 243 -11.45 -11.55 -8.38
C THR A 243 -10.35 -12.14 -9.27
N LYS A 244 -10.70 -13.22 -9.96
CA LYS A 244 -9.75 -13.87 -10.86
C LYS A 244 -9.23 -12.89 -11.91
N GLU A 245 -10.11 -12.05 -12.44
CA GLU A 245 -9.72 -11.05 -13.44
C GLU A 245 -8.75 -10.02 -12.88
N GLN A 246 -8.98 -9.63 -11.64
CA GLN A 246 -8.14 -8.65 -10.99
C GLN A 246 -6.75 -9.22 -10.77
N ILE A 247 -6.67 -10.49 -10.38
CA ILE A 247 -5.37 -11.17 -10.23
C ILE A 247 -4.64 -11.25 -11.57
N ARG A 248 -5.36 -11.60 -12.65
CA ARG A 248 -4.76 -11.56 -13.98
C ARG A 248 -4.17 -10.18 -14.32
N GLN A 249 -4.89 -9.11 -13.98
CA GLN A 249 -4.34 -7.77 -14.24
C GLN A 249 -3.09 -7.47 -13.37
N ILE A 250 -3.08 -8.00 -12.17
CA ILE A 250 -1.92 -7.85 -11.29
C ILE A 250 -0.72 -8.64 -11.82
N VAL A 251 -0.96 -9.84 -12.33
CA VAL A 251 0.09 -10.62 -12.99
C VAL A 251 0.75 -9.75 -14.06
N GLU A 252 -0.04 -9.13 -14.92
CA GLU A 252 0.50 -8.21 -15.95
C GLU A 252 1.35 -7.09 -15.37
N ILE A 253 0.85 -6.42 -14.32
CA ILE A 253 1.62 -5.39 -13.63
C ILE A 253 2.94 -5.98 -13.12
N GLN A 254 2.89 -7.15 -12.49
CA GLN A 254 4.10 -7.80 -11.97
C GLN A 254 5.05 -8.33 -13.03
N LEU A 255 4.61 -8.41 -14.29
CA LEU A 255 5.53 -8.76 -15.40
C LEU A 255 6.17 -7.54 -16.06
N SER A 256 5.78 -6.33 -15.65
CA SER A 256 6.23 -5.13 -16.34
C SER A 256 7.74 -4.94 -16.35
N TYR A 257 8.38 -5.10 -15.20
CA TYR A 257 9.84 -4.90 -15.11
C TYR A 257 10.58 -5.99 -15.88
N LEU A 258 10.10 -7.23 -15.79
CA LEU A 258 10.66 -8.32 -16.58
C LEU A 258 10.59 -8.04 -18.10
N ARG A 259 9.41 -7.64 -18.57
CA ARG A 259 9.25 -7.24 -19.97
C ARG A 259 10.23 -6.12 -20.32
N ALA A 260 10.39 -5.16 -19.42
CA ALA A 260 11.29 -4.04 -19.63
C ALA A 260 12.72 -4.51 -19.85
N ARG A 261 13.17 -5.44 -19.02
CA ARG A 261 14.52 -6.01 -19.15
C ARG A 261 14.64 -6.86 -20.41
N LEU A 262 13.62 -7.66 -20.72
CA LEU A 262 13.60 -8.44 -21.96
C LEU A 262 13.66 -7.56 -23.21
N ALA A 263 12.91 -6.45 -23.19
CA ALA A 263 12.86 -5.55 -24.35
C ALA A 263 14.23 -4.92 -24.64
N GLU A 264 15.08 -4.80 -23.62
CA GLU A 264 16.44 -4.31 -23.82
C GLU A 264 17.22 -5.17 -24.81
N LYS A 265 16.82 -6.43 -24.95
CA LYS A 265 17.42 -7.34 -25.92
C LYS A 265 16.42 -7.64 -27.03
N ARG A 266 15.42 -6.75 -27.18
CA ARG A 266 14.33 -6.89 -28.14
C ARG A 266 13.63 -8.25 -28.09
N ILE A 267 13.61 -8.87 -26.90
CA ILE A 267 12.85 -10.09 -26.68
C ILE A 267 11.48 -9.69 -26.13
N SER A 268 10.45 -10.30 -26.69
CA SER A 268 9.05 -10.06 -26.31
C SER A 268 8.53 -11.33 -25.68
N LEU A 269 7.51 -11.19 -24.84
CA LEU A 269 6.90 -12.34 -24.20
C LEU A 269 5.41 -12.36 -24.54
N GLU A 270 4.94 -13.49 -25.08
CA GLU A 270 3.53 -13.63 -25.47
C GLU A 270 2.87 -14.76 -24.70
N LEU A 271 2.18 -14.40 -23.62
CA LEU A 271 1.55 -15.38 -22.75
C LEU A 271 0.18 -15.82 -23.24
N THR A 272 -0.02 -17.13 -23.39
CA THR A 272 -1.38 -17.63 -23.64
C THR A 272 -2.20 -17.35 -22.39
N GLU A 273 -3.52 -17.40 -22.54
CA GLU A 273 -4.43 -17.09 -21.44
C GLU A 273 -4.24 -18.13 -20.34
N ALA A 274 -4.04 -19.39 -20.74
CA ALA A 274 -3.80 -20.48 -19.78
C ALA A 274 -2.55 -20.22 -18.94
N ALA A 275 -1.55 -19.60 -19.56
CA ALA A 275 -0.30 -19.26 -18.88
C ALA A 275 -0.53 -18.23 -17.80
N LYS A 276 -1.28 -17.19 -18.14
CA LYS A 276 -1.56 -16.14 -17.19
C LYS A 276 -2.37 -16.70 -16.05
N ASP A 277 -3.33 -17.56 -16.37
CA ASP A 277 -4.16 -18.20 -15.34
C ASP A 277 -3.35 -19.16 -14.47
N PHE A 278 -2.36 -19.81 -15.05
CA PHE A 278 -1.44 -20.68 -14.30
C PHE A 278 -0.71 -19.87 -13.20
N LEU A 279 -0.20 -18.69 -13.56
CA LEU A 279 0.48 -17.82 -12.58
C LEU A 279 -0.51 -17.24 -11.57
N ALA A 280 -1.69 -16.84 -12.05
CA ALA A 280 -2.71 -16.28 -11.16
C ALA A 280 -3.19 -17.28 -10.12
N GLU A 281 -3.42 -18.52 -10.54
CA GLU A 281 -3.85 -19.58 -9.65
C GLU A 281 -2.81 -19.90 -8.57
N ARG A 282 -1.56 -19.98 -8.96
CA ARG A 282 -0.48 -20.24 -8.01
C ARG A 282 -0.11 -19.05 -7.15
N GLY A 283 -0.31 -17.84 -7.65
CA GLY A 283 0.17 -16.64 -6.97
C GLY A 283 -0.77 -16.01 -5.98
N TYR A 284 -1.97 -16.59 -5.79
CA TYR A 284 -2.99 -16.03 -4.90
C TYR A 284 -3.67 -17.09 -4.03
N ASP A 285 -3.91 -16.75 -2.77
CA ASP A 285 -4.77 -17.59 -1.94
C ASP A 285 -5.43 -16.75 -0.85
N PRO A 286 -6.52 -17.27 -0.26
CA PRO A 286 -7.27 -16.59 0.79
C PRO A 286 -6.46 -16.13 1.99
N VAL A 287 -5.42 -16.86 2.36
CA VAL A 287 -4.66 -16.51 3.56
C VAL A 287 -3.71 -15.36 3.27
N PHE A 288 -2.94 -15.49 2.19
CA PHE A 288 -1.85 -14.58 1.91
C PHE A 288 -2.12 -13.58 0.80
N GLY A 289 -3.32 -13.64 0.20
CA GLY A 289 -3.65 -12.77 -0.91
C GLY A 289 -2.70 -12.99 -2.07
N ALA A 290 -2.22 -11.90 -2.66
CA ALA A 290 -1.32 -11.97 -3.82
C ALA A 290 0.17 -11.92 -3.44
N ARG A 291 0.46 -12.06 -2.16
CA ARG A 291 1.86 -12.04 -1.69
C ARG A 291 2.73 -13.16 -2.24
N PRO A 292 2.13 -14.35 -2.49
CA PRO A 292 2.97 -15.40 -3.11
C PRO A 292 3.32 -15.15 -4.58
N LEU A 293 2.64 -14.20 -5.22
CA LEU A 293 2.76 -14.03 -6.67
C LEU A 293 4.17 -13.73 -7.14
N ARG A 294 4.86 -12.83 -6.47
CA ARG A 294 6.21 -12.49 -6.88
C ARG A 294 7.10 -13.74 -7.08
N ARG A 295 7.15 -14.63 -6.09
CA ARG A 295 8.06 -15.78 -6.19
C ARG A 295 7.56 -16.89 -7.12
N VAL A 296 6.25 -16.95 -7.31
CA VAL A 296 5.68 -17.83 -8.33
C VAL A 296 6.21 -17.41 -9.69
N ILE A 297 6.08 -16.13 -10.04
CA ILE A 297 6.60 -15.62 -11.30
C ILE A 297 8.10 -15.93 -11.45
N GLN A 298 8.85 -15.64 -10.40
CA GLN A 298 10.29 -15.88 -10.39
C GLN A 298 10.64 -17.36 -10.68
N ARG A 299 9.99 -18.28 -9.98
CA ARG A 299 10.25 -19.70 -10.13
C ARG A 299 9.64 -20.29 -11.40
N GLU A 300 8.41 -19.91 -11.74
CA GLU A 300 7.71 -20.52 -12.86
C GLU A 300 8.03 -19.92 -14.22
N LEU A 301 8.44 -18.66 -14.26
CA LEU A 301 8.65 -17.95 -15.52
C LEU A 301 10.09 -17.50 -15.68
N GLU A 302 10.59 -16.70 -14.74
CA GLU A 302 11.88 -16.06 -14.92
C GLU A 302 13.02 -17.07 -14.91
N THR A 303 12.93 -18.10 -14.06
CA THR A 303 14.02 -19.07 -13.97
C THR A 303 14.14 -19.93 -15.25
N PRO A 304 13.02 -20.53 -15.73
CA PRO A 304 13.21 -21.35 -16.94
C PRO A 304 13.46 -20.51 -18.20
N LEU A 305 12.97 -19.27 -18.21
CA LEU A 305 13.32 -18.34 -19.27
C LEU A 305 14.81 -18.00 -19.27
N ALA A 306 15.38 -17.74 -18.09
CA ALA A 306 16.82 -17.54 -17.95
C ALA A 306 17.60 -18.72 -18.57
N GLN A 307 17.22 -19.93 -18.21
CA GLN A 307 17.85 -21.12 -18.80
C GLN A 307 17.78 -21.11 -20.32
N LYS A 308 16.61 -20.83 -20.88
CA LYS A 308 16.44 -20.80 -22.34
C LYS A 308 17.37 -19.78 -22.98
N ILE A 309 17.53 -18.63 -22.34
CA ILE A 309 18.37 -17.55 -22.90
C ILE A 309 19.84 -17.94 -22.84
N LEU A 310 20.25 -18.51 -21.72
CA LEU A 310 21.64 -18.91 -21.52
C LEU A 310 22.04 -20.06 -22.45
N ALA A 311 21.08 -20.88 -22.85
CA ALA A 311 21.33 -21.96 -23.82
C ALA A 311 21.21 -21.47 -25.27
N GLY A 312 20.73 -20.23 -25.46
CA GLY A 312 20.59 -19.67 -26.80
C GLY A 312 19.37 -20.19 -27.54
N GLU A 313 18.45 -20.81 -26.82
CA GLU A 313 17.20 -21.29 -27.41
C GLU A 313 16.24 -20.11 -27.50
N VAL A 314 16.45 -19.11 -26.65
CA VAL A 314 15.82 -17.81 -26.78
C VAL A 314 16.92 -16.78 -27.02
N LYS A 315 16.74 -15.99 -28.08
CA LYS A 315 17.77 -15.13 -28.61
C LYS A 315 17.27 -13.69 -28.73
N GLU A 316 18.21 -12.75 -28.72
CA GLU A 316 17.90 -11.34 -28.97
C GLU A 316 16.95 -11.24 -30.16
N GLY A 317 15.92 -10.41 -30.03
CA GLY A 317 14.97 -10.19 -31.11
C GLY A 317 13.79 -11.15 -31.13
N ASP A 318 13.91 -12.28 -30.43
CA ASP A 318 12.88 -13.32 -30.50
C ASP A 318 11.59 -12.90 -29.83
N ARG A 319 10.49 -13.42 -30.35
CA ARG A 319 9.18 -13.28 -29.75
C ARG A 319 8.81 -14.64 -29.15
N VAL A 320 8.64 -14.69 -27.83
CA VAL A 320 8.48 -15.96 -27.12
C VAL A 320 7.04 -16.20 -26.70
N GLN A 321 6.42 -17.25 -27.22
CA GLN A 321 5.11 -17.68 -26.71
C GLN A 321 5.29 -18.48 -25.44
N VAL A 322 4.65 -18.03 -24.37
CA VAL A 322 4.62 -18.75 -23.12
C VAL A 322 3.28 -19.43 -22.98
N ASP A 323 3.29 -20.75 -22.74
CA ASP A 323 2.06 -21.52 -22.60
C ASP A 323 2.20 -22.43 -21.37
N VAL A 324 1.17 -23.22 -21.10
CA VAL A 324 1.22 -24.29 -20.10
C VAL A 324 1.48 -25.65 -20.73
N GLY A 325 2.50 -26.34 -20.22
CA GLY A 325 2.74 -27.75 -20.53
C GLY A 325 2.43 -28.56 -19.29
N PRO A 326 2.69 -29.87 -19.33
CA PRO A 326 2.37 -30.72 -18.17
C PRO A 326 3.18 -30.34 -16.93
N ALA A 327 4.50 -30.18 -17.10
CA ALA A 327 5.40 -29.88 -15.97
C ALA A 327 5.35 -28.42 -15.52
N GLY A 328 4.59 -27.59 -16.20
CA GLY A 328 4.52 -26.17 -15.89
C GLY A 328 4.54 -25.38 -17.17
N LEU A 329 5.07 -24.16 -17.11
CA LEU A 329 5.09 -23.30 -18.29
C LEU A 329 6.04 -23.79 -19.38
N VAL A 330 5.62 -23.70 -20.64
CA VAL A 330 6.49 -24.07 -21.77
C VAL A 330 6.66 -22.86 -22.67
N PHE A 331 7.81 -22.82 -23.35
CA PHE A 331 8.23 -21.67 -24.13
C PHE A 331 8.49 -22.07 -25.58
N ALA A 332 8.03 -21.24 -26.54
CA ALA A 332 8.27 -21.49 -27.97
C ALA A 332 8.61 -20.21 -28.75
N VAL A 333 9.48 -20.33 -29.75
CA VAL A 333 9.80 -19.23 -30.67
C VAL A 333 9.45 -19.57 -32.12
N PRO A 334 8.74 -18.65 -32.82
CA PRO A 334 8.45 -18.85 -34.25
C PRO A 334 9.59 -18.38 -35.16
#